data_7PQG
#
_entry.id   7PQG
#
_cell.length_a   1.00
_cell.length_b   1.00
_cell.length_c   1.00
_cell.angle_alpha   90.00
_cell.angle_beta   90.00
_cell.angle_gamma   90.00
#
_symmetry.space_group_name_H-M   'P 1'
#
loop_
_entity.id
_entity.type
_entity.pdbx_description
1 polymer 'Nanobody 87'
2 polymer 'Sodium/bile acid cotransporter'
#
loop_
_entity_poly.entity_id
_entity_poly.type
_entity_poly.pdbx_seq_one_letter_code
_entity_poly.pdbx_strand_id
1 'polypeptide(L)'
;QVQLVESGGGLVQAGGSLRLSCAVSGRTTANYNMGWFRQAPGKEREFVAGIKWSSGSTYVADSAKGRFTISRDNAKNSVY
LQMDSLKPEDTALYYCAANYYGVSWFLISPSSYDYWGQGTQVTVSSHHHHHHEPEA
;
B
2 'polypeptide(L)'
;MAHTASAPFTFTLPPNFGKRPTDLALSVILVVMLFIIMLSLGCTMEFSKIKAHLWKPKGLAIALVAQYGIMPLTAFVLGK
VFRLNNIEALAILICGCSPGGNLSNIFSLAMKGDMNLSIVMTTCSTFLALGMMPLLLYIYSRGIYDGDLKDKVPYKGIVI
SLVLVLIPCTIGIVLKSKRPQYMRYVIKGGMIIILLCSVAVTVLSAINVGKSIMFAMTPHLIATSSLMPFIGFLLGYVLS
ALFCLNGRCRRTVSMETGCQNVQLCSTILNVAFPPEVIGPLFFFPLLYMIFQLGEGLLLIAIFWCYEKFKTPKDKTKMIY
TAATTEELEVLFQ
;
A
#
# COMPACT_ATOMS: atom_id res chain seq x y z
N GLN A 1 11.67 19.54 3.91
CA GLN A 1 12.37 20.61 4.61
C GLN A 1 12.30 21.93 3.84
N VAL A 2 11.19 22.14 3.15
CA VAL A 2 11.04 23.23 2.20
C VAL A 2 10.31 24.38 2.87
N GLN A 3 10.89 25.57 2.80
CA GLN A 3 10.29 26.75 3.39
C GLN A 3 9.44 27.48 2.36
N LEU A 4 8.22 27.84 2.75
CA LEU A 4 7.29 28.53 1.87
C LEU A 4 7.10 29.97 2.33
N VAL A 5 6.61 30.80 1.41
CA VAL A 5 6.31 32.19 1.70
C VAL A 5 5.41 32.70 0.59
N GLU A 6 4.51 33.63 0.94
CA GLU A 6 3.46 34.07 0.05
C GLU A 6 3.55 35.58 -0.15
N SER A 7 2.87 36.07 -1.19
CA SER A 7 2.89 37.49 -1.50
C SER A 7 1.56 37.83 -2.19
N GLY A 8 0.65 38.42 -1.43
CA GLY A 8 -0.61 38.88 -1.98
C GLY A 8 -1.23 39.95 -1.11
N GLY A 9 -1.78 40.99 -1.73
CA GLY A 9 -2.37 42.08 -0.98
C GLY A 9 -3.60 42.66 -1.63
N GLY A 10 -4.23 41.89 -2.53
CA GLY A 10 -5.40 42.37 -3.23
C GLY A 10 -6.61 42.41 -2.32
N LEU A 11 -7.11 43.60 -2.02
CA LEU A 11 -8.32 43.77 -1.20
C LEU A 11 -9.21 44.76 -1.95
N VAL A 12 -10.01 44.25 -2.88
CA VAL A 12 -10.83 45.07 -3.76
C VAL A 12 -12.02 44.25 -4.22
N GLN A 13 -13.06 44.95 -4.68
CA GLN A 13 -14.24 44.28 -5.20
C GLN A 13 -13.95 43.67 -6.57
N ALA A 14 -14.98 43.05 -7.14
CA ALA A 14 -14.83 42.29 -8.38
C ALA A 14 -14.29 43.18 -9.49
N GLY A 15 -13.30 42.65 -10.22
CA GLY A 15 -12.64 43.41 -11.26
C GLY A 15 -11.14 43.41 -11.08
N GLY A 16 -10.64 42.61 -10.15
CA GLY A 16 -9.22 42.54 -9.90
C GLY A 16 -8.62 41.16 -10.15
N SER A 17 -7.81 41.05 -11.18
CA SER A 17 -7.02 39.83 -11.44
C SER A 17 -5.87 39.84 -10.45
N LEU A 18 -6.12 39.30 -9.26
CA LEU A 18 -5.24 39.54 -8.13
C LEU A 18 -3.96 38.74 -8.27
N ARG A 19 -2.84 39.45 -8.34
CA ARG A 19 -1.51 38.83 -8.35
C ARG A 19 -1.30 38.08 -7.04
N LEU A 20 -1.20 36.76 -7.12
CA LEU A 20 -0.81 35.94 -6.00
C LEU A 20 0.42 35.13 -6.41
N SER A 21 1.45 35.14 -5.57
CA SER A 21 2.69 34.47 -5.87
C SER A 21 3.25 33.90 -4.58
N CYS A 22 3.63 32.63 -4.62
CA CYS A 22 4.02 31.88 -3.43
C CYS A 22 5.45 31.38 -3.64
N ALA A 23 6.42 32.21 -3.27
CA ALA A 23 7.81 31.83 -3.44
C ALA A 23 8.12 30.58 -2.63
N VAL A 24 8.76 29.61 -3.27
CA VAL A 24 9.10 28.35 -2.65
C VAL A 24 10.62 28.25 -2.53
N SER A 25 11.09 27.85 -1.35
CA SER A 25 12.51 27.73 -1.07
C SER A 25 12.72 26.40 -0.35
N GLY A 26 13.47 25.51 -0.98
CA GLY A 26 13.76 24.23 -0.35
C GLY A 26 14.18 23.21 -1.38
N ARG A 27 14.10 21.93 -0.98
CA ARG A 27 14.42 20.81 -1.84
C ARG A 27 13.27 20.62 -2.84
N THR A 28 13.36 21.37 -3.95
CA THR A 28 12.33 21.27 -4.98
C THR A 28 12.50 19.97 -5.73
N THR A 29 12.19 18.86 -5.08
CA THR A 29 12.45 17.53 -5.63
C THR A 29 11.47 17.25 -6.76
N ALA A 30 11.43 16.01 -7.22
CA ALA A 30 10.44 15.61 -8.19
C ALA A 30 9.11 15.33 -7.47
N ASN A 31 8.08 15.06 -8.27
CA ASN A 31 6.85 14.39 -7.84
C ASN A 31 6.24 14.93 -6.55
N TYR A 32 6.37 16.22 -6.28
CA TYR A 32 5.65 16.80 -5.14
C TYR A 32 4.58 17.74 -5.67
N ASN A 33 3.35 17.53 -5.23
CA ASN A 33 2.27 18.45 -5.52
C ASN A 33 2.37 19.69 -4.65
N MET A 34 1.69 20.76 -5.06
CA MET A 34 1.61 21.97 -4.26
C MET A 34 0.26 22.63 -4.52
N GLY A 35 -0.42 23.02 -3.45
CA GLY A 35 -1.77 23.52 -3.55
C GLY A 35 -1.96 24.84 -2.81
N TRP A 36 -3.19 25.35 -2.91
CA TRP A 36 -3.59 26.59 -2.28
C TRP A 36 -4.90 26.36 -1.54
N PHE A 37 -5.15 27.17 -0.52
CA PHE A 37 -6.21 26.87 0.43
C PHE A 37 -6.95 28.12 0.85
N ARG A 38 -7.74 27.96 1.93
CA ARG A 38 -8.76 28.91 2.36
C ARG A 38 -8.84 28.92 3.87
N GLN A 39 -9.15 30.10 4.42
CA GLN A 39 -9.63 30.23 5.80
C GLN A 39 -10.63 31.37 5.83
N ALA A 40 -11.90 31.05 5.60
CA ALA A 40 -12.91 32.00 5.96
C ALA A 40 -13.18 31.90 7.46
N PRO A 41 -13.61 32.99 8.10
CA PRO A 41 -13.71 32.97 9.58
C PRO A 41 -14.62 31.85 10.06
N GLY A 42 -14.03 30.95 10.84
CA GLY A 42 -14.78 29.91 11.51
C GLY A 42 -14.96 28.62 10.76
N LYS A 43 -14.59 28.55 9.47
CA LYS A 43 -14.65 27.31 8.71
C LYS A 43 -13.24 26.87 8.38
N GLU A 44 -13.01 25.56 8.38
CA GLU A 44 -11.66 25.03 8.29
C GLU A 44 -11.07 25.25 6.89
N ARG A 45 -9.79 24.91 6.78
CA ARG A 45 -9.10 24.88 5.51
C ARG A 45 -9.74 23.87 4.54
N GLU A 46 -9.77 24.23 3.26
CA GLU A 46 -10.29 23.36 2.23
C GLU A 46 -9.58 23.65 0.91
N PHE A 47 -9.52 22.64 0.04
CA PHE A 47 -8.74 22.71 -1.18
C PHE A 47 -9.34 23.65 -2.22
N VAL A 48 -8.49 24.25 -3.03
CA VAL A 48 -8.93 25.08 -4.15
C VAL A 48 -8.28 24.63 -5.46
N ALA A 49 -6.95 24.62 -5.50
CA ALA A 49 -6.24 24.32 -6.75
C ALA A 49 -4.88 23.76 -6.41
N GLY A 50 -4.27 23.13 -7.40
CA GLY A 50 -2.97 22.52 -7.21
C GLY A 50 -2.38 22.11 -8.54
N ILE A 51 -1.11 21.67 -8.48
CA ILE A 51 -0.39 21.25 -9.67
C ILE A 51 0.81 20.43 -9.22
N LYS A 52 1.11 19.37 -9.96
CA LYS A 52 2.37 18.68 -9.75
C LYS A 52 3.51 19.56 -10.24
N TRP A 53 4.52 19.73 -9.38
CA TRP A 53 5.66 20.56 -9.75
C TRP A 53 6.47 19.91 -10.87
N SER A 54 6.46 18.57 -10.93
CA SER A 54 7.28 17.89 -11.93
C SER A 54 6.62 17.91 -13.30
N SER A 55 5.45 17.27 -13.43
CA SER A 55 4.83 17.11 -14.74
C SER A 55 4.16 18.39 -15.20
N GLY A 56 3.47 19.09 -14.30
CA GLY A 56 2.77 20.30 -14.66
C GLY A 56 1.28 20.16 -14.84
N SER A 57 0.68 19.04 -14.44
CA SER A 57 -0.77 18.89 -14.54
C SER A 57 -1.45 19.61 -13.38
N THR A 58 -2.45 20.42 -13.70
CA THR A 58 -3.15 21.23 -12.72
C THR A 58 -4.60 20.79 -12.57
N TYR A 59 -5.20 21.19 -11.46
CA TYR A 59 -6.60 20.90 -11.17
C TYR A 59 -7.24 22.12 -10.52
N VAL A 60 -8.56 22.21 -10.66
CA VAL A 60 -9.33 23.35 -10.18
C VAL A 60 -10.54 22.83 -9.41
N ALA A 61 -10.79 23.41 -8.23
CA ALA A 61 -11.99 23.06 -7.50
C ALA A 61 -13.21 23.75 -8.11
N ASP A 62 -14.39 23.32 -7.67
CA ASP A 62 -15.63 23.70 -8.33
C ASP A 62 -15.83 25.21 -8.34
N SER A 63 -15.56 25.85 -7.21
CA SER A 63 -15.79 27.29 -7.11
C SER A 63 -14.89 28.09 -8.04
N ALA A 64 -13.78 27.53 -8.48
CA ALA A 64 -12.77 28.27 -9.21
C ALA A 64 -12.69 27.95 -10.70
N LYS A 65 -13.56 27.08 -11.22
CA LYS A 65 -13.57 26.83 -12.65
C LYS A 65 -13.76 28.13 -13.42
N GLY A 66 -12.90 28.35 -14.41
CA GLY A 66 -12.89 29.57 -15.18
C GLY A 66 -12.57 30.81 -14.38
N ARG A 67 -12.27 30.68 -13.10
CA ARG A 67 -12.10 31.83 -12.21
C ARG A 67 -10.73 31.91 -11.57
N PHE A 68 -10.01 30.80 -11.47
CA PHE A 68 -8.65 30.76 -10.98
C PHE A 68 -7.75 30.11 -12.02
N THR A 69 -6.49 29.94 -11.66
CA THR A 69 -5.55 29.08 -12.39
C THR A 69 -4.36 28.87 -11.48
N ILE A 70 -3.32 28.23 -12.01
CA ILE A 70 -2.04 28.13 -11.32
C ILE A 70 -0.96 28.01 -12.37
N SER A 71 0.19 28.61 -12.10
CA SER A 71 1.30 28.58 -13.04
C SER A 71 2.57 28.20 -12.31
N ARG A 72 3.33 27.28 -12.89
CA ARG A 72 4.62 26.89 -12.35
C ARG A 72 5.66 27.91 -12.75
N ASP A 73 6.52 28.27 -11.79
CA ASP A 73 7.75 29.00 -12.06
C ASP A 73 8.84 28.11 -11.49
N ASN A 74 9.27 27.14 -12.27
CA ASN A 74 10.17 26.10 -11.79
C ASN A 74 11.62 26.51 -11.84
N ALA A 75 12.01 27.29 -12.85
CA ALA A 75 13.38 27.76 -12.92
C ALA A 75 13.71 28.70 -11.77
N LYS A 76 12.77 29.57 -11.42
CA LYS A 76 12.98 30.55 -10.36
C LYS A 76 12.37 30.12 -9.03
N ASN A 77 11.91 28.88 -8.93
CA ASN A 77 11.34 28.33 -7.70
C ASN A 77 10.22 29.21 -7.15
N SER A 78 9.15 29.28 -7.94
CA SER A 78 7.94 30.01 -7.55
C SER A 78 6.73 29.28 -8.10
N VAL A 79 5.58 29.53 -7.48
CA VAL A 79 4.31 29.10 -8.04
C VAL A 79 3.42 30.33 -8.16
N TYR A 80 2.55 30.30 -9.17
CA TYR A 80 1.86 31.52 -9.63
C TYR A 80 0.38 31.19 -9.78
N LEU A 81 -0.40 31.55 -8.76
CA LEU A 81 -1.85 31.42 -8.81
C LEU A 81 -2.42 32.79 -9.16
N GLN A 82 -2.77 32.97 -10.43
CA GLN A 82 -3.51 34.15 -10.85
C GLN A 82 -4.99 33.85 -10.75
N MET A 83 -5.62 34.37 -9.71
CA MET A 83 -7.06 34.21 -9.57
C MET A 83 -7.70 35.33 -10.38
N ASP A 84 -8.66 34.98 -11.24
CA ASP A 84 -9.35 35.99 -12.01
C ASP A 84 -10.20 36.85 -11.10
N SER A 85 -10.58 38.03 -11.60
CA SER A 85 -11.47 38.94 -10.90
C SER A 85 -12.68 38.21 -10.35
N LEU A 86 -12.87 38.29 -9.03
CA LEU A 86 -13.90 37.51 -8.37
C LEU A 86 -14.80 38.44 -7.58
N LYS A 87 -16.07 38.03 -7.46
CA LYS A 87 -17.13 38.69 -6.72
C LYS A 87 -16.68 39.01 -5.29
N PRO A 88 -17.35 39.94 -4.60
CA PRO A 88 -16.97 40.26 -3.22
C PRO A 88 -17.05 39.08 -2.25
N GLU A 89 -17.48 37.93 -2.74
CA GLU A 89 -17.79 36.81 -1.85
C GLU A 89 -16.53 36.19 -1.24
N ASP A 90 -15.50 35.94 -2.04
CA ASP A 90 -14.48 34.96 -1.67
C ASP A 90 -13.49 35.47 -0.64
N THR A 91 -13.79 36.57 0.05
CA THR A 91 -12.89 37.11 1.06
C THR A 91 -12.47 36.05 2.07
N ALA A 92 -11.16 35.76 2.10
CA ALA A 92 -10.66 34.72 2.98
C ALA A 92 -9.13 34.76 3.02
N LEU A 93 -8.59 34.34 4.16
CA LEU A 93 -7.18 33.99 4.27
C LEU A 93 -6.86 32.80 3.38
N TYR A 94 -5.78 32.91 2.62
CA TYR A 94 -5.33 31.83 1.75
C TYR A 94 -3.99 31.30 2.25
N TYR A 95 -3.70 30.05 1.91
CA TYR A 95 -2.44 29.42 2.28
C TYR A 95 -1.77 28.77 1.08
N CYS A 96 -0.59 28.23 1.34
CA CYS A 96 0.15 27.38 0.43
C CYS A 96 0.50 26.09 1.14
N ALA A 97 0.51 24.98 0.41
CA ALA A 97 0.89 23.72 1.01
C ALA A 97 1.36 22.77 -0.08
N ALA A 98 2.30 21.89 0.28
CA ALA A 98 2.89 20.97 -0.67
C ALA A 98 3.25 19.68 0.03
N ASN A 99 3.00 18.56 -0.64
CA ASN A 99 3.45 17.26 -0.18
C ASN A 99 4.36 16.62 -1.22
N TYR A 100 5.39 15.94 -0.73
CA TYR A 100 6.30 15.18 -1.59
C TYR A 100 5.64 13.95 -2.19
N TYR A 101 4.43 13.61 -1.75
CA TYR A 101 3.71 12.48 -2.33
C TYR A 101 3.53 12.69 -3.83
N GLY A 102 3.81 11.66 -4.61
CA GLY A 102 3.60 11.72 -6.04
C GLY A 102 2.58 10.70 -6.50
N VAL A 103 1.49 11.17 -7.11
CA VAL A 103 0.44 10.27 -7.54
C VAL A 103 -0.27 10.89 -8.74
N SER A 104 -0.90 10.03 -9.55
CA SER A 104 -1.59 10.50 -10.74
C SER A 104 -2.71 11.47 -10.40
N TRP A 105 -3.54 11.12 -9.41
CA TRP A 105 -4.66 11.99 -9.06
C TRP A 105 -4.15 13.22 -8.32
N PHE A 106 -5.09 14.08 -7.94
CA PHE A 106 -4.80 15.29 -7.18
C PHE A 106 -5.18 15.03 -5.73
N LEU A 107 -4.20 15.14 -4.83
CA LEU A 107 -4.48 15.00 -3.42
C LEU A 107 -5.17 16.27 -2.91
N ILE A 108 -6.27 16.11 -2.19
CA ILE A 108 -7.20 17.20 -1.93
C ILE A 108 -7.40 17.40 -0.43
N SER A 109 -7.21 16.34 0.35
CA SER A 109 -7.60 16.34 1.75
C SER A 109 -6.88 17.42 2.54
N PRO A 110 -7.57 18.15 3.42
CA PRO A 110 -6.87 19.11 4.28
C PRO A 110 -5.66 18.53 5.00
N SER A 111 -5.83 17.46 5.77
CA SER A 111 -4.80 17.05 6.72
C SER A 111 -3.55 16.53 6.04
N SER A 112 -3.62 16.18 4.75
CA SER A 112 -2.50 15.51 4.10
C SER A 112 -1.27 16.39 4.03
N TYR A 113 -1.44 17.66 3.69
CA TYR A 113 -0.28 18.49 3.37
C TYR A 113 0.50 18.86 4.62
N ASP A 114 1.79 19.15 4.42
CA ASP A 114 2.73 19.31 5.53
C ASP A 114 3.30 20.72 5.61
N TYR A 115 3.82 21.25 4.50
CA TYR A 115 4.62 22.47 4.54
C TYR A 115 3.72 23.67 4.31
N TRP A 116 3.74 24.61 5.24
CA TRP A 116 2.82 25.74 5.25
C TRP A 116 3.63 27.04 5.25
N GLY A 117 3.33 27.92 4.32
CA GLY A 117 3.84 29.27 4.37
C GLY A 117 2.98 30.16 5.24
N GLN A 118 3.43 31.40 5.39
CA GLN A 118 2.66 32.42 6.09
C GLN A 118 1.63 32.97 5.09
N GLY A 119 0.53 32.22 4.95
CA GLY A 119 -0.44 32.53 3.94
C GLY A 119 -1.01 33.92 4.08
N THR A 120 -1.19 34.58 2.93
CA THR A 120 -1.63 35.96 2.92
C THR A 120 -3.14 36.06 3.18
N GLN A 121 -3.52 37.14 3.85
CA GLN A 121 -4.93 37.44 4.10
C GLN A 121 -5.37 38.53 3.14
N VAL A 122 -6.39 38.23 2.35
CA VAL A 122 -6.89 39.14 1.33
C VAL A 122 -8.40 39.10 1.33
N THR A 123 -9.02 40.26 1.14
CA THR A 123 -10.47 40.37 1.05
C THR A 123 -10.87 40.74 -0.36
N VAL A 124 -12.15 40.55 -0.66
CA VAL A 124 -12.70 40.95 -1.95
C VAL A 124 -14.06 41.59 -1.75
N PHE B 11 -12.56 13.87 -16.58
CA PHE B 11 -11.95 12.93 -15.65
C PHE B 11 -10.92 13.63 -14.76
N THR B 12 -9.78 12.99 -14.56
CA THR B 12 -8.67 13.47 -13.70
C THR B 12 -9.20 14.12 -12.43
N LEU B 13 -10.21 13.50 -11.85
CA LEU B 13 -10.87 14.00 -10.66
C LEU B 13 -10.48 13.17 -9.44
N PRO B 14 -10.34 13.82 -8.27
CA PRO B 14 -10.04 13.07 -7.06
C PRO B 14 -11.24 12.22 -6.66
N PRO B 15 -11.02 11.11 -5.95
CA PRO B 15 -12.15 10.26 -5.58
C PRO B 15 -13.16 11.01 -4.73
N ASN B 16 -14.44 10.77 -5.00
CA ASN B 16 -15.52 11.49 -4.32
C ASN B 16 -15.56 10.93 -2.90
N PHE B 17 -14.66 11.42 -2.07
CA PHE B 17 -14.45 10.88 -0.75
C PHE B 17 -15.23 11.70 0.27
N GLY B 18 -15.03 11.42 1.57
CA GLY B 18 -15.74 12.06 2.65
C GLY B 18 -16.77 11.17 3.30
N LYS B 19 -17.21 10.13 2.59
CA LYS B 19 -18.25 9.22 3.08
C LYS B 19 -17.60 8.14 3.92
N ARG B 20 -17.77 8.24 5.24
CA ARG B 20 -17.15 7.34 6.20
C ARG B 20 -17.77 5.94 6.29
N PRO B 21 -19.10 5.77 6.32
CA PRO B 21 -19.64 4.42 6.60
C PRO B 21 -19.11 3.33 5.69
N THR B 22 -18.95 3.60 4.40
CA THR B 22 -18.34 2.62 3.51
C THR B 22 -16.90 2.33 3.91
N ASP B 23 -16.16 3.38 4.29
CA ASP B 23 -14.80 3.20 4.75
C ASP B 23 -14.76 2.29 5.97
N LEU B 24 -15.68 2.50 6.90
CA LEU B 24 -15.72 1.69 8.11
C LEU B 24 -16.11 0.25 7.80
N ALA B 25 -17.01 0.04 6.84
CA ALA B 25 -17.34 -1.31 6.42
C ALA B 25 -16.11 -2.01 5.86
N LEU B 26 -15.36 -1.30 5.00
CA LEU B 26 -14.10 -1.82 4.49
C LEU B 26 -13.18 -2.22 5.64
N SER B 27 -12.98 -1.30 6.58
CA SER B 27 -12.06 -1.54 7.67
C SER B 27 -12.49 -2.74 8.50
N VAL B 28 -13.78 -2.85 8.81
CA VAL B 28 -14.23 -3.92 9.70
C VAL B 28 -14.13 -5.27 9.01
N ILE B 29 -14.47 -5.35 7.72
CA ILE B 29 -14.35 -6.63 7.04
C ILE B 29 -12.88 -7.02 6.94
N LEU B 30 -12.00 -6.06 6.67
CA LEU B 30 -10.57 -6.36 6.61
C LEU B 30 -10.04 -6.84 7.96
N VAL B 31 -10.42 -6.18 9.05
CA VAL B 31 -9.89 -6.60 10.34
C VAL B 31 -10.42 -7.99 10.70
N VAL B 32 -11.70 -8.27 10.43
CA VAL B 32 -12.21 -9.58 10.80
C VAL B 32 -11.58 -10.67 9.93
N MET B 33 -11.31 -10.39 8.65
CA MET B 33 -10.61 -11.41 7.87
C MET B 33 -9.20 -11.61 8.40
N LEU B 34 -8.57 -10.55 8.88
CA LEU B 34 -7.27 -10.73 9.54
C LEU B 34 -7.38 -11.68 10.72
N PHE B 35 -8.38 -11.44 11.59
CA PHE B 35 -8.57 -12.34 12.73
C PHE B 35 -8.71 -13.78 12.25
N ILE B 36 -9.61 -14.01 11.31
CA ILE B 36 -9.94 -15.39 10.96
C ILE B 36 -8.77 -16.08 10.27
N ILE B 37 -8.03 -15.34 9.42
CA ILE B 37 -6.90 -15.98 8.76
C ILE B 37 -5.81 -16.30 9.75
N MET B 38 -5.58 -15.42 10.73
CA MET B 38 -4.48 -15.73 11.64
C MET B 38 -4.89 -16.84 12.61
N LEU B 39 -6.19 -16.95 12.91
CA LEU B 39 -6.67 -18.15 13.60
C LEU B 39 -6.43 -19.40 12.76
N SER B 40 -6.68 -19.31 11.45
CA SER B 40 -6.39 -20.45 10.58
C SER B 40 -4.92 -20.82 10.65
N LEU B 41 -4.05 -19.82 10.81
CA LEU B 41 -2.67 -20.10 11.20
C LEU B 41 -2.64 -20.88 12.51
N GLY B 42 -3.37 -20.41 13.52
CA GLY B 42 -3.40 -21.11 14.79
C GLY B 42 -3.98 -22.50 14.71
N CYS B 43 -4.69 -22.82 13.63
CA CYS B 43 -5.24 -24.16 13.44
C CYS B 43 -4.14 -25.20 13.33
N THR B 44 -2.94 -24.80 12.91
CA THR B 44 -1.85 -25.74 12.65
C THR B 44 -1.00 -25.91 13.89
N MET B 45 -0.71 -27.17 14.22
CA MET B 45 0.16 -27.48 15.35
C MET B 45 1.60 -27.58 14.88
N GLU B 46 2.52 -26.89 15.57
CA GLU B 46 3.90 -26.86 15.14
C GLU B 46 4.94 -27.02 16.24
N PHE B 47 4.58 -26.89 17.52
CA PHE B 47 5.60 -26.94 18.57
C PHE B 47 6.32 -28.29 18.58
N SER B 48 5.60 -29.36 18.28
CA SER B 48 6.25 -30.66 18.12
C SER B 48 7.29 -30.61 17.02
N LYS B 49 6.96 -29.96 15.89
CA LYS B 49 7.92 -29.83 14.80
C LYS B 49 8.96 -28.77 15.11
N ILE B 50 8.64 -27.79 15.97
CA ILE B 50 9.63 -26.77 16.31
C ILE B 50 10.87 -27.41 16.92
N LYS B 51 10.67 -28.28 17.91
CA LYS B 51 11.81 -28.87 18.61
C LYS B 51 12.62 -29.76 17.68
N ALA B 52 11.94 -30.60 16.90
CA ALA B 52 12.64 -31.51 15.99
C ALA B 52 13.41 -30.74 14.92
N HIS B 53 12.81 -29.68 14.38
CA HIS B 53 13.41 -28.96 13.28
C HIS B 53 14.45 -27.95 13.77
N LEU B 54 14.47 -27.64 15.06
CA LEU B 54 15.56 -26.85 15.62
C LEU B 54 16.91 -27.55 15.48
N TRP B 55 16.91 -28.87 15.27
CA TRP B 55 18.18 -29.58 15.15
C TRP B 55 18.90 -29.21 13.85
N LYS B 56 18.19 -29.25 12.73
CA LYS B 56 18.73 -28.86 11.43
C LYS B 56 17.82 -27.85 10.76
N PRO B 57 17.73 -26.63 11.32
CA PRO B 57 16.89 -25.60 10.70
C PRO B 57 17.60 -24.80 9.63
N LYS B 58 18.90 -25.07 9.39
CA LYS B 58 19.66 -24.26 8.44
C LYS B 58 19.01 -24.29 7.07
N GLY B 59 18.61 -25.48 6.60
CA GLY B 59 17.87 -25.55 5.35
C GLY B 59 16.59 -24.75 5.38
N LEU B 60 15.83 -24.88 6.47
CA LEU B 60 14.63 -24.08 6.63
C LEU B 60 14.95 -22.59 6.69
N ALA B 61 16.00 -22.24 7.44
CA ALA B 61 16.37 -20.84 7.61
C ALA B 61 16.76 -20.21 6.27
N ILE B 62 17.35 -21.00 5.37
CA ILE B 62 17.69 -20.47 4.06
C ILE B 62 16.44 -20.00 3.32
N ALA B 63 15.39 -20.83 3.32
CA ALA B 63 14.15 -20.42 2.67
C ALA B 63 13.60 -19.15 3.32
N LEU B 64 13.67 -19.08 4.65
CA LEU B 64 13.14 -17.92 5.36
C LEU B 64 13.87 -16.65 4.97
N VAL B 65 15.20 -16.66 5.05
CA VAL B 65 15.96 -15.46 4.73
C VAL B 65 15.82 -15.13 3.26
N ALA B 66 15.73 -16.13 2.40
CA ALA B 66 15.56 -15.87 0.98
C ALA B 66 14.26 -15.14 0.72
N GLN B 67 13.16 -15.62 1.30
CA GLN B 67 11.88 -14.97 1.05
C GLN B 67 11.82 -13.62 1.75
N TYR B 68 12.50 -13.45 2.88
CA TYR B 68 12.60 -12.12 3.46
C TYR B 68 13.41 -11.15 2.62
N GLY B 69 14.45 -11.62 1.93
CA GLY B 69 15.32 -10.70 1.21
C GLY B 69 14.82 -10.40 -0.19
N ILE B 70 14.44 -11.43 -0.94
CA ILE B 70 14.06 -11.26 -2.34
C ILE B 70 12.86 -10.33 -2.47
N MET B 71 11.85 -10.54 -1.63
CA MET B 71 10.59 -9.82 -1.79
C MET B 71 10.78 -8.31 -1.77
N PRO B 72 11.52 -7.72 -0.82
CA PRO B 72 11.74 -6.26 -0.87
C PRO B 72 12.56 -5.84 -2.07
N LEU B 73 13.68 -6.52 -2.32
CA LEU B 73 14.54 -6.12 -3.42
C LEU B 73 13.82 -6.25 -4.75
N THR B 74 12.95 -7.25 -4.89
CA THR B 74 12.18 -7.38 -6.12
C THR B 74 11.24 -6.20 -6.32
N ALA B 75 10.49 -5.83 -5.28
CA ALA B 75 9.65 -4.66 -5.38
C ALA B 75 10.49 -3.43 -5.72
N PHE B 76 11.67 -3.33 -5.10
CA PHE B 76 12.57 -2.22 -5.36
C PHE B 76 12.95 -2.15 -6.84
N VAL B 77 13.40 -3.28 -7.39
CA VAL B 77 13.93 -3.27 -8.76
C VAL B 77 12.81 -3.06 -9.76
N LEU B 78 11.63 -3.65 -9.53
CA LEU B 78 10.52 -3.39 -10.46
C LEU B 78 10.06 -1.94 -10.37
N GLY B 79 10.04 -1.35 -9.17
CA GLY B 79 9.74 0.06 -9.08
C GLY B 79 10.74 0.91 -9.85
N LYS B 80 12.03 0.60 -9.69
CA LYS B 80 13.06 1.37 -10.37
C LYS B 80 12.96 1.22 -11.88
N VAL B 81 12.73 0.01 -12.37
CA VAL B 81 12.78 -0.24 -13.80
C VAL B 81 11.61 0.44 -14.51
N PHE B 82 10.46 0.51 -13.87
CA PHE B 82 9.34 1.24 -14.42
C PHE B 82 9.28 2.67 -13.91
N ARG B 83 10.35 3.14 -13.25
CA ARG B 83 10.45 4.47 -12.65
C ARG B 83 9.12 4.91 -12.06
N LEU B 84 8.52 4.02 -11.27
CA LEU B 84 7.18 4.26 -10.75
C LEU B 84 7.19 5.43 -9.76
N ASN B 85 6.08 6.16 -9.73
CA ASN B 85 5.97 7.28 -8.80
C ASN B 85 6.06 6.77 -7.36
N ASN B 86 6.48 7.68 -6.48
CA ASN B 86 6.99 7.28 -5.17
C ASN B 86 5.97 6.50 -4.34
N ILE B 87 4.76 7.03 -4.17
CA ILE B 87 3.87 6.44 -3.17
C ILE B 87 3.41 5.04 -3.60
N GLU B 88 3.14 4.84 -4.89
CA GLU B 88 2.69 3.50 -5.27
C GLU B 88 3.86 2.51 -5.28
N ALA B 89 5.08 2.99 -5.55
CA ALA B 89 6.24 2.14 -5.36
C ALA B 89 6.36 1.71 -3.90
N LEU B 90 6.10 2.64 -2.99
CA LEU B 90 6.10 2.31 -1.57
C LEU B 90 5.02 1.28 -1.25
N ALA B 91 3.84 1.45 -1.84
CA ALA B 91 2.76 0.48 -1.66
C ALA B 91 3.19 -0.89 -2.15
N ILE B 92 3.87 -0.94 -3.29
CA ILE B 92 4.38 -2.21 -3.81
C ILE B 92 5.38 -2.81 -2.84
N LEU B 93 6.25 -1.97 -2.26
CA LEU B 93 7.15 -2.44 -1.23
C LEU B 93 6.40 -3.10 -0.10
N ILE B 94 5.31 -2.48 0.35
CA ILE B 94 4.46 -3.11 1.37
C ILE B 94 3.91 -4.43 0.86
N CYS B 95 3.55 -4.47 -0.43
CA CYS B 95 2.96 -5.69 -0.99
C CYS B 95 3.94 -6.85 -0.96
N GLY B 96 5.20 -6.60 -1.30
CA GLY B 96 6.18 -7.68 -1.32
C GLY B 96 6.41 -8.29 0.04
N CYS B 97 6.36 -7.48 1.08
CA CYS B 97 6.61 -7.91 2.45
C CYS B 97 5.29 -8.23 3.14
N SER B 98 5.02 -9.53 3.28
CA SER B 98 3.82 -10.08 3.90
C SER B 98 3.98 -11.59 4.04
N PRO B 99 3.34 -12.23 5.02
CA PRO B 99 3.53 -13.67 5.21
C PRO B 99 3.07 -14.51 4.02
N GLY B 100 1.80 -14.37 3.64
CA GLY B 100 1.23 -15.11 2.54
C GLY B 100 1.46 -16.61 2.60
N GLY B 101 0.90 -17.26 3.61
CA GLY B 101 1.16 -18.66 3.81
C GLY B 101 -0.02 -19.59 3.62
N ASN B 102 -1.22 -19.15 3.99
CA ASN B 102 -2.38 -20.03 3.92
C ASN B 102 -2.64 -20.48 2.49
N LEU B 103 -2.69 -19.52 1.56
CA LEU B 103 -2.93 -19.86 0.16
C LEU B 103 -1.83 -20.77 -0.38
N SER B 104 -0.58 -20.50 -0.02
CA SER B 104 0.53 -21.35 -0.45
C SER B 104 0.36 -22.76 0.07
N ASN B 105 -0.07 -22.87 1.32
CA ASN B 105 -0.31 -24.18 1.93
C ASN B 105 -1.39 -24.91 1.16
N ILE B 106 -2.42 -24.18 0.75
CA ILE B 106 -3.51 -24.75 -0.03
C ILE B 106 -3.01 -25.26 -1.37
N PHE B 107 -2.22 -24.45 -2.07
CA PHE B 107 -1.67 -24.90 -3.35
C PHE B 107 -0.83 -26.16 -3.19
N SER B 108 0.05 -26.17 -2.19
CA SER B 108 0.93 -27.33 -2.03
C SER B 108 0.15 -28.58 -1.69
N LEU B 109 -0.81 -28.46 -0.76
CA LEU B 109 -1.66 -29.60 -0.42
C LEU B 109 -2.41 -30.10 -1.64
N ALA B 110 -2.85 -29.18 -2.51
CA ALA B 110 -3.53 -29.59 -3.72
C ALA B 110 -2.64 -30.46 -4.60
N MET B 111 -1.38 -30.06 -4.76
CA MET B 111 -0.51 -30.77 -5.69
C MET B 111 0.29 -31.89 -5.00
N LYS B 112 1.17 -31.54 -4.05
CA LYS B 112 1.73 -32.51 -3.12
C LYS B 112 2.66 -31.85 -2.11
N GLY B 113 3.21 -32.65 -1.21
CA GLY B 113 4.22 -32.22 -0.27
C GLY B 113 3.82 -32.49 1.15
N ASP B 114 4.80 -32.39 2.03
CA ASP B 114 4.59 -32.54 3.46
C ASP B 114 4.24 -31.19 4.09
N MET B 115 2.95 -31.02 4.40
CA MET B 115 2.43 -29.73 4.87
C MET B 115 3.15 -29.26 6.13
N ASN B 116 3.72 -30.19 6.89
CA ASN B 116 4.35 -29.84 8.16
C ASN B 116 5.39 -28.74 7.99
N LEU B 117 6.22 -28.83 6.94
CA LEU B 117 7.19 -27.76 6.72
C LEU B 117 6.51 -26.46 6.29
N SER B 118 5.61 -26.52 5.31
CA SER B 118 5.05 -25.29 4.75
C SER B 118 4.39 -24.45 5.84
N ILE B 119 3.64 -25.11 6.73
CA ILE B 119 2.96 -24.39 7.79
C ILE B 119 3.97 -23.78 8.76
N VAL B 120 5.05 -24.49 9.09
CA VAL B 120 5.99 -23.93 10.04
C VAL B 120 6.76 -22.75 9.42
N MET B 121 7.15 -22.83 8.15
CA MET B 121 7.72 -21.63 7.52
C MET B 121 6.72 -20.49 7.54
N THR B 122 5.44 -20.78 7.28
CA THR B 122 4.44 -19.71 7.33
C THR B 122 4.41 -19.05 8.70
N THR B 123 4.32 -19.86 9.75
CA THR B 123 4.18 -19.33 11.11
C THR B 123 5.41 -18.53 11.52
N CYS B 124 6.60 -19.06 11.24
CA CYS B 124 7.80 -18.34 11.63
C CYS B 124 7.97 -17.07 10.79
N SER B 125 7.56 -17.11 9.52
CA SER B 125 7.53 -15.90 8.73
C SER B 125 6.65 -14.85 9.38
N THR B 126 5.47 -15.26 9.85
CA THR B 126 4.59 -14.33 10.56
C THR B 126 5.30 -13.73 11.77
N PHE B 127 5.71 -14.58 12.72
CA PHE B 127 6.21 -14.02 13.98
C PHE B 127 7.67 -13.59 13.90
N LEU B 128 8.25 -13.53 12.70
CA LEU B 128 9.48 -12.78 12.47
C LEU B 128 9.28 -11.59 11.54
N ALA B 129 8.12 -11.46 10.92
CA ALA B 129 7.83 -10.29 10.11
C ALA B 129 7.85 -9.02 10.95
N LEU B 130 7.28 -9.07 12.15
CA LEU B 130 7.34 -7.89 13.01
C LEU B 130 8.78 -7.50 13.33
N GLY B 131 9.72 -8.44 13.22
CA GLY B 131 11.12 -8.12 13.40
C GLY B 131 11.76 -7.49 12.18
N MET B 132 11.63 -8.12 11.01
CA MET B 132 12.36 -7.60 9.85
C MET B 132 11.60 -6.54 9.06
N MET B 133 10.28 -6.56 9.06
CA MET B 133 9.40 -5.57 8.45
C MET B 133 9.88 -4.14 8.68
N PRO B 134 10.02 -3.66 9.92
CA PRO B 134 10.36 -2.24 10.09
C PRO B 134 11.75 -1.90 9.57
N LEU B 135 12.73 -2.79 9.77
CA LEU B 135 14.09 -2.47 9.34
C LEU B 135 14.20 -2.48 7.83
N LEU B 136 13.55 -3.42 7.15
CA LEU B 136 13.57 -3.42 5.70
C LEU B 136 12.86 -2.18 5.15
N LEU B 137 11.74 -1.79 5.77
CA LEU B 137 11.09 -0.54 5.38
C LEU B 137 12.05 0.62 5.54
N TYR B 138 12.73 0.69 6.68
CA TYR B 138 13.62 1.81 6.96
C TYR B 138 14.74 1.89 5.92
N ILE B 139 15.36 0.75 5.61
CA ILE B 139 16.51 0.76 4.71
C ILE B 139 16.08 1.09 3.28
N TYR B 140 15.02 0.45 2.80
CA TYR B 140 14.67 0.62 1.39
C TYR B 140 13.81 1.85 1.14
N SER B 141 13.30 2.50 2.19
CA SER B 141 12.67 3.80 2.00
C SER B 141 13.67 4.83 1.53
N ARG B 142 14.89 4.79 2.09
CA ARG B 142 15.92 5.75 1.70
C ARG B 142 16.24 5.68 0.23
N GLY B 143 16.01 4.52 -0.40
CA GLY B 143 16.41 4.31 -1.77
C GLY B 143 15.45 4.76 -2.85
N ILE B 144 14.28 5.32 -2.51
CA ILE B 144 13.33 5.67 -3.55
C ILE B 144 13.90 6.77 -4.43
N TYR B 145 14.07 7.97 -3.87
CA TYR B 145 14.93 8.98 -4.47
C TYR B 145 16.01 9.42 -3.49
N ASP B 146 15.61 9.93 -2.32
CA ASP B 146 16.49 10.17 -1.20
C ASP B 146 15.91 9.60 0.09
N GLY B 147 14.69 9.07 0.07
CA GLY B 147 14.00 8.67 1.28
C GLY B 147 12.98 9.70 1.71
N ASP B 148 12.19 10.18 0.76
CA ASP B 148 11.24 11.25 1.04
C ASP B 148 10.19 10.85 2.07
N LEU B 149 9.84 9.56 2.14
CA LEU B 149 8.80 9.12 3.06
C LEU B 149 9.31 9.00 4.50
N LYS B 150 10.61 9.22 4.73
CA LYS B 150 11.27 8.96 6.01
C LYS B 150 10.45 9.37 7.22
N ASP B 151 9.78 10.52 7.13
CA ASP B 151 8.99 11.04 8.23
C ASP B 151 7.50 10.71 8.11
N LYS B 152 7.12 9.86 7.17
CA LYS B 152 5.73 9.42 7.06
C LYS B 152 5.52 7.96 7.39
N VAL B 153 6.58 7.18 7.54
CA VAL B 153 6.44 5.76 7.87
C VAL B 153 5.95 5.65 9.30
N PRO B 154 4.81 5.03 9.55
CA PRO B 154 4.26 4.92 10.92
C PRO B 154 4.78 3.70 11.66
N TYR B 155 6.02 3.80 12.13
CA TYR B 155 6.69 2.69 12.82
C TYR B 155 5.77 2.06 13.87
N LYS B 156 5.39 2.84 14.88
CA LYS B 156 4.61 2.28 15.98
C LYS B 156 3.24 1.82 15.51
N GLY B 157 2.62 2.56 14.59
CA GLY B 157 1.34 2.12 14.05
C GLY B 157 1.44 0.81 13.29
N ILE B 158 2.52 0.64 12.53
CA ILE B 158 2.75 -0.62 11.86
C ILE B 158 2.88 -1.74 12.88
N VAL B 159 3.63 -1.49 13.96
CA VAL B 159 3.79 -2.50 15.00
C VAL B 159 2.44 -2.84 15.62
N ILE B 160 1.59 -1.83 15.81
CA ILE B 160 0.26 -2.08 16.35
C ILE B 160 -0.54 -2.98 15.44
N SER B 161 -0.54 -2.67 14.14
CA SER B 161 -1.21 -3.54 13.18
C SER B 161 -0.67 -4.96 13.29
N LEU B 162 0.66 -5.09 13.39
CA LEU B 162 1.28 -6.40 13.48
C LEU B 162 0.80 -7.17 14.70
N VAL B 163 0.74 -6.51 15.86
CA VAL B 163 0.36 -7.23 17.08
C VAL B 163 -1.12 -7.61 17.05
N LEU B 164 -1.98 -6.74 16.50
CA LEU B 164 -3.38 -7.14 16.32
C LEU B 164 -3.46 -8.36 15.41
N VAL B 165 -2.61 -8.42 14.39
CA VAL B 165 -2.56 -9.62 13.56
C VAL B 165 -2.11 -10.82 14.39
N LEU B 166 -1.12 -10.62 15.25
CA LEU B 166 -0.53 -11.74 15.99
C LEU B 166 -1.45 -12.27 17.08
N ILE B 167 -2.44 -11.51 17.52
CA ILE B 167 -3.33 -11.98 18.58
C ILE B 167 -3.98 -13.32 18.24
N PRO B 168 -4.57 -13.52 17.05
CA PRO B 168 -5.09 -14.85 16.74
C PRO B 168 -4.04 -15.95 16.74
N CYS B 169 -2.77 -15.61 16.49
CA CYS B 169 -1.71 -16.61 16.65
C CYS B 169 -1.63 -17.09 18.09
N THR B 170 -1.67 -16.15 19.04
CA THR B 170 -1.70 -16.52 20.45
C THR B 170 -2.93 -17.35 20.75
N ILE B 171 -4.08 -16.98 20.19
CA ILE B 171 -5.30 -17.74 20.40
C ILE B 171 -5.11 -19.18 19.95
N GLY B 172 -4.57 -19.37 18.75
CA GLY B 172 -4.36 -20.72 18.24
C GLY B 172 -3.36 -21.52 19.07
N ILE B 173 -2.24 -20.90 19.44
CA ILE B 173 -1.19 -21.64 20.15
C ILE B 173 -1.67 -22.05 21.53
N VAL B 174 -2.42 -21.17 22.22
CA VAL B 174 -2.97 -21.57 23.51
C VAL B 174 -4.07 -22.61 23.31
N LEU B 175 -4.80 -22.54 22.19
CA LEU B 175 -5.81 -23.55 21.89
C LEU B 175 -5.19 -24.92 21.73
N LYS B 176 -3.97 -24.99 21.19
CA LYS B 176 -3.26 -26.27 21.15
C LYS B 176 -3.07 -26.82 22.56
N SER B 177 -2.68 -25.97 23.51
CA SER B 177 -2.52 -26.40 24.89
C SER B 177 -3.84 -26.93 25.45
N LYS B 178 -4.95 -26.29 25.10
CA LYS B 178 -6.27 -26.74 25.49
C LYS B 178 -6.79 -27.73 24.44
N ARG B 179 -8.09 -28.03 24.49
CA ARG B 179 -8.74 -28.97 23.59
C ARG B 179 -8.46 -28.67 22.13
N PRO B 180 -7.73 -29.56 21.43
CA PRO B 180 -7.55 -29.38 19.98
C PRO B 180 -8.75 -29.82 19.16
N GLN B 181 -9.80 -30.35 19.79
CA GLN B 181 -10.94 -30.86 19.04
C GLN B 181 -11.64 -29.76 18.25
N TYR B 182 -11.49 -28.50 18.64
CA TYR B 182 -12.29 -27.43 18.04
C TYR B 182 -12.02 -27.26 16.55
N MET B 183 -10.88 -27.73 16.05
CA MET B 183 -10.60 -27.58 14.62
C MET B 183 -11.38 -28.55 13.75
N ARG B 184 -12.19 -29.44 14.32
CA ARG B 184 -13.03 -30.30 13.48
C ARG B 184 -14.10 -29.48 12.76
N TYR B 185 -14.55 -28.39 13.35
CA TYR B 185 -15.55 -27.54 12.71
C TYR B 185 -14.85 -26.36 12.01
N VAL B 186 -13.60 -26.14 12.38
CA VAL B 186 -12.80 -25.03 11.90
C VAL B 186 -12.62 -24.98 10.40
N ILE B 187 -12.46 -26.13 9.77
CA ILE B 187 -12.29 -26.12 8.32
C ILE B 187 -13.50 -25.58 7.55
N LYS B 188 -14.71 -25.94 7.96
CA LYS B 188 -15.92 -25.51 7.25
C LYS B 188 -16.01 -23.98 7.22
N GLY B 189 -16.23 -23.44 8.41
CA GLY B 189 -16.29 -22.03 8.68
C GLY B 189 -15.20 -21.25 7.97
N GLY B 190 -13.97 -21.80 7.95
CA GLY B 190 -12.89 -21.12 7.27
C GLY B 190 -13.16 -20.93 5.79
N MET B 191 -13.60 -22.00 5.13
CA MET B 191 -13.91 -21.90 3.71
C MET B 191 -15.01 -20.88 3.45
N ILE B 192 -16.09 -20.94 4.25
CA ILE B 192 -17.21 -20.03 4.00
C ILE B 192 -16.78 -18.59 4.24
N ILE B 193 -16.00 -18.34 5.29
CA ILE B 193 -15.64 -16.96 5.59
C ILE B 193 -14.65 -16.42 4.57
N ILE B 194 -13.71 -17.25 4.09
CA ILE B 194 -12.78 -16.73 3.09
C ILE B 194 -13.51 -16.43 1.80
N LEU B 195 -14.43 -17.30 1.37
CA LEU B 195 -15.16 -17.02 0.14
C LEU B 195 -16.02 -15.76 0.29
N LEU B 196 -16.73 -15.65 1.42
CA LEU B 196 -17.59 -14.49 1.64
C LEU B 196 -16.78 -13.21 1.71
N CYS B 197 -15.63 -13.22 2.40
CA CYS B 197 -14.83 -12.01 2.49
C CYS B 197 -14.24 -11.64 1.14
N SER B 198 -13.81 -12.63 0.36
CA SER B 198 -13.30 -12.33 -0.97
C SER B 198 -14.36 -11.64 -1.82
N VAL B 199 -15.55 -12.23 -1.91
CA VAL B 199 -16.58 -11.64 -2.76
C VAL B 199 -17.01 -10.28 -2.21
N ALA B 200 -17.06 -10.15 -0.87
CA ALA B 200 -17.48 -8.89 -0.27
C ALA B 200 -16.48 -7.77 -0.56
N VAL B 201 -15.19 -8.05 -0.41
CA VAL B 201 -14.21 -7.01 -0.69
C VAL B 201 -14.23 -6.65 -2.17
N THR B 202 -14.37 -7.63 -3.05
CA THR B 202 -14.46 -7.30 -4.46
C THR B 202 -15.61 -6.34 -4.72
N VAL B 203 -16.82 -6.71 -4.29
CA VAL B 203 -17.99 -5.91 -4.63
C VAL B 203 -17.93 -4.55 -3.96
N LEU B 204 -17.47 -4.50 -2.70
CA LEU B 204 -17.49 -3.26 -1.96
C LEU B 204 -16.41 -2.30 -2.44
N SER B 205 -15.19 -2.80 -2.65
CA SER B 205 -14.13 -1.96 -3.20
C SER B 205 -14.41 -1.57 -4.64
N ALA B 206 -15.31 -2.28 -5.33
CA ALA B 206 -15.76 -1.82 -6.64
C ALA B 206 -16.74 -0.67 -6.49
N ILE B 207 -17.84 -0.90 -5.76
CA ILE B 207 -18.92 0.08 -5.73
C ILE B 207 -18.50 1.37 -5.02
N ASN B 208 -17.67 1.25 -3.97
CA ASN B 208 -17.39 2.40 -3.12
C ASN B 208 -16.70 3.52 -3.89
N VAL B 209 -15.75 3.19 -4.75
CA VAL B 209 -15.10 4.16 -5.62
C VAL B 209 -15.11 3.59 -7.04
N GLY B 210 -15.72 4.32 -7.96
CA GLY B 210 -15.78 3.87 -9.33
C GLY B 210 -14.78 4.54 -10.25
N LYS B 211 -14.72 5.88 -10.18
CA LYS B 211 -13.83 6.62 -11.06
C LYS B 211 -12.36 6.30 -10.76
N SER B 212 -12.01 6.19 -9.48
CA SER B 212 -10.62 6.00 -9.11
C SER B 212 -10.07 4.65 -9.56
N ILE B 213 -10.93 3.69 -9.86
CA ILE B 213 -10.46 2.39 -10.35
C ILE B 213 -9.64 2.56 -11.61
N MET B 214 -10.08 3.46 -12.50
CA MET B 214 -9.27 3.76 -13.69
C MET B 214 -7.92 4.34 -13.30
N PHE B 215 -7.84 5.06 -12.19
CA PHE B 215 -6.54 5.52 -11.71
C PHE B 215 -5.74 4.36 -11.14
N ALA B 216 -6.41 3.29 -10.73
CA ALA B 216 -5.75 2.13 -10.15
C ALA B 216 -5.43 1.04 -11.15
N MET B 217 -5.79 1.21 -12.43
CA MET B 217 -5.64 0.14 -13.41
C MET B 217 -4.53 0.42 -14.42
N THR B 218 -3.57 1.26 -14.06
CA THR B 218 -2.51 1.59 -15.02
C THR B 218 -1.76 0.32 -15.41
N PRO B 219 -1.37 0.19 -16.68
CA PRO B 219 -0.73 -1.05 -17.13
C PRO B 219 0.54 -1.39 -16.37
N HIS B 220 1.25 -0.38 -15.87
CA HIS B 220 2.45 -0.65 -15.08
C HIS B 220 2.10 -1.47 -13.84
N LEU B 221 1.01 -1.10 -13.16
CA LEU B 221 0.58 -1.87 -12.00
C LEU B 221 0.27 -3.30 -12.37
N ILE B 222 -0.41 -3.50 -13.50
CA ILE B 222 -0.75 -4.85 -13.93
C ILE B 222 0.51 -5.66 -14.18
N ALA B 223 1.47 -5.07 -14.90
CA ALA B 223 2.70 -5.77 -15.23
C ALA B 223 3.47 -6.14 -13.97
N THR B 224 3.57 -5.22 -13.01
CA THR B 224 4.28 -5.52 -11.77
C THR B 224 3.56 -6.61 -10.99
N SER B 225 2.27 -6.42 -10.75
CA SER B 225 1.51 -7.41 -9.96
C SER B 225 1.55 -8.78 -10.60
N SER B 226 1.73 -8.84 -11.92
CA SER B 226 1.88 -10.14 -12.57
C SER B 226 3.29 -10.70 -12.40
N LEU B 227 4.30 -9.90 -12.73
CA LEU B 227 5.65 -10.43 -12.83
C LEU B 227 6.25 -10.72 -11.45
N MET B 228 6.17 -9.76 -10.53
CA MET B 228 6.93 -9.90 -9.28
C MET B 228 6.61 -11.16 -8.49
N PRO B 229 5.35 -11.62 -8.35
CA PRO B 229 5.18 -12.93 -7.71
C PRO B 229 5.79 -14.06 -8.51
N PHE B 230 5.59 -14.01 -9.84
CA PHE B 230 6.20 -15.01 -10.72
C PHE B 230 7.71 -14.98 -10.59
N ILE B 231 8.29 -13.78 -10.55
CA ILE B 231 9.73 -13.65 -10.36
C ILE B 231 10.14 -14.25 -9.02
N GLY B 232 9.31 -14.08 -7.99
CA GLY B 232 9.60 -14.72 -6.72
C GLY B 232 9.63 -16.24 -6.84
N PHE B 233 8.67 -16.80 -7.57
CA PHE B 233 8.70 -18.24 -7.86
C PHE B 233 10.02 -18.63 -8.49
N LEU B 234 10.43 -17.91 -9.53
CA LEU B 234 11.65 -18.26 -10.25
C LEU B 234 12.88 -18.20 -9.35
N LEU B 235 13.00 -17.13 -8.56
CA LEU B 235 14.18 -16.99 -7.71
C LEU B 235 14.20 -18.03 -6.60
N GLY B 236 13.04 -18.35 -6.02
CA GLY B 236 13.01 -19.44 -5.06
C GLY B 236 13.45 -20.75 -5.70
N TYR B 237 12.95 -21.03 -6.90
CA TYR B 237 13.35 -22.22 -7.64
C TYR B 237 14.86 -22.28 -7.80
N VAL B 238 15.45 -21.20 -8.30
CA VAL B 238 16.88 -21.24 -8.63
C VAL B 238 17.72 -21.32 -7.37
N LEU B 239 17.33 -20.59 -6.31
CA LEU B 239 18.12 -20.65 -5.08
C LEU B 239 18.08 -22.02 -4.44
N SER B 240 16.88 -22.60 -4.32
CA SER B 240 16.79 -23.92 -3.72
C SER B 240 17.49 -24.96 -4.58
N ALA B 241 17.52 -24.76 -5.90
CA ALA B 241 18.38 -25.59 -6.74
C ALA B 241 19.84 -25.40 -6.39
N LEU B 242 20.24 -24.15 -6.12
CA LEU B 242 21.63 -23.87 -5.81
C LEU B 242 22.09 -24.59 -4.55
N PHE B 243 21.25 -24.62 -3.52
CA PHE B 243 21.65 -25.20 -2.24
C PHE B 243 21.30 -26.68 -2.12
N CYS B 244 21.27 -27.40 -3.25
CA CYS B 244 21.26 -28.86 -3.29
C CYS B 244 20.06 -29.46 -2.55
N LEU B 245 19.02 -28.67 -2.33
CA LEU B 245 17.82 -29.19 -1.69
C LEU B 245 17.08 -30.09 -2.66
N ASN B 246 16.25 -30.98 -2.09
CA ASN B 246 15.53 -31.94 -2.91
C ASN B 246 14.50 -31.21 -3.78
N GLY B 247 14.01 -31.92 -4.80
CA GLY B 247 13.07 -31.32 -5.72
C GLY B 247 11.80 -30.85 -5.03
N ARG B 248 11.26 -31.68 -4.13
CA ARG B 248 9.98 -31.33 -3.52
C ARG B 248 10.12 -30.12 -2.61
N CYS B 249 11.15 -30.09 -1.76
CA CYS B 249 11.38 -28.93 -0.91
C CYS B 249 11.66 -27.69 -1.75
N ARG B 250 12.41 -27.84 -2.83
CA ARG B 250 12.70 -26.73 -3.73
C ARG B 250 11.40 -26.12 -4.24
N ARG B 251 10.53 -26.95 -4.79
CA ARG B 251 9.27 -26.49 -5.34
C ARG B 251 8.36 -25.89 -4.27
N THR B 252 8.29 -26.52 -3.10
CA THR B 252 7.46 -25.99 -2.02
C THR B 252 7.93 -24.60 -1.60
N VAL B 253 9.23 -24.43 -1.39
CA VAL B 253 9.70 -23.13 -0.94
C VAL B 253 9.53 -22.09 -2.04
N SER B 254 9.71 -22.50 -3.30
CA SER B 254 9.49 -21.58 -4.41
C SER B 254 8.08 -21.03 -4.38
N MET B 255 7.09 -21.92 -4.31
CA MET B 255 5.71 -21.46 -4.40
C MET B 255 5.26 -20.78 -3.11
N GLU B 256 5.86 -21.17 -1.97
CA GLU B 256 5.62 -20.43 -0.73
C GLU B 256 6.08 -18.98 -0.86
N THR B 257 7.24 -18.77 -1.48
CA THR B 257 7.71 -17.43 -1.74
C THR B 257 6.80 -16.69 -2.69
N GLY B 258 6.30 -17.37 -3.72
CA GLY B 258 5.62 -16.68 -4.80
C GLY B 258 4.35 -15.94 -4.40
N CYS B 259 3.66 -16.42 -3.37
CA CYS B 259 2.34 -15.89 -2.99
C CYS B 259 2.41 -15.22 -1.62
N GLN B 260 1.94 -13.99 -1.54
CA GLN B 260 2.03 -13.25 -0.29
C GLN B 260 0.71 -13.05 0.45
N ASN B 261 0.74 -12.19 1.46
CA ASN B 261 -0.46 -11.92 2.25
C ASN B 261 -1.06 -10.60 1.79
N VAL B 262 -2.08 -10.70 0.93
CA VAL B 262 -2.79 -9.52 0.48
C VAL B 262 -3.51 -8.84 1.64
N GLN B 263 -4.08 -9.63 2.56
CA GLN B 263 -4.88 -9.06 3.64
C GLN B 263 -4.04 -8.17 4.54
N LEU B 264 -2.86 -8.65 4.96
CA LEU B 264 -2.00 -7.84 5.80
C LEU B 264 -1.61 -6.55 5.11
N CYS B 265 -1.18 -6.65 3.85
CA CYS B 265 -0.76 -5.45 3.13
C CYS B 265 -1.90 -4.44 3.02
N SER B 266 -3.09 -4.92 2.63
CA SER B 266 -4.23 -4.03 2.49
C SER B 266 -4.57 -3.35 3.82
N THR B 267 -4.57 -4.13 4.90
CA THR B 267 -4.91 -3.57 6.20
C THR B 267 -3.88 -2.53 6.63
N ILE B 268 -2.60 -2.80 6.40
CA ILE B 268 -1.58 -1.81 6.70
C ILE B 268 -1.80 -0.56 5.86
N LEU B 269 -2.10 -0.73 4.58
CA LEU B 269 -2.30 0.42 3.71
C LEU B 269 -3.43 1.30 4.20
N ASN B 270 -4.56 0.69 4.60
CA ASN B 270 -5.68 1.53 5.00
C ASN B 270 -5.46 2.13 6.39
N VAL B 271 -4.94 1.36 7.34
CA VAL B 271 -4.84 1.91 8.69
C VAL B 271 -3.61 2.81 8.86
N ALA B 272 -2.49 2.48 8.21
CA ALA B 272 -1.27 3.22 8.45
C ALA B 272 -1.24 4.54 7.69
N PHE B 273 -1.83 4.59 6.51
CA PHE B 273 -1.75 5.82 5.75
C PHE B 273 -3.13 6.35 5.42
N PRO B 274 -3.27 7.66 5.22
CA PRO B 274 -4.59 8.24 4.99
C PRO B 274 -5.25 7.63 3.77
N PRO B 275 -6.58 7.46 3.82
CA PRO B 275 -7.27 6.84 2.67
C PRO B 275 -7.06 7.61 1.37
N GLU B 276 -7.08 8.94 1.43
CA GLU B 276 -6.79 9.71 0.23
C GLU B 276 -5.36 9.53 -0.25
N VAL B 277 -4.43 9.25 0.67
CA VAL B 277 -3.05 8.99 0.28
C VAL B 277 -2.96 7.67 -0.48
N ILE B 278 -3.56 6.61 0.07
CA ILE B 278 -3.57 5.33 -0.63
C ILE B 278 -4.55 5.38 -1.80
N GLY B 279 -5.77 5.86 -1.55
CA GLY B 279 -6.78 5.95 -2.59
C GLY B 279 -7.02 4.63 -3.30
N PRO B 280 -7.25 4.69 -4.61
CA PRO B 280 -7.43 3.46 -5.39
C PRO B 280 -6.20 2.58 -5.44
N LEU B 281 -5.02 3.09 -5.08
CA LEU B 281 -3.86 2.22 -5.00
C LEU B 281 -4.10 1.06 -4.05
N PHE B 282 -5.01 1.23 -3.10
CA PHE B 282 -5.48 0.13 -2.27
C PHE B 282 -6.08 -1.00 -3.10
N PHE B 283 -6.54 -0.71 -4.31
CA PHE B 283 -7.10 -1.75 -5.16
C PHE B 283 -6.04 -2.67 -5.74
N PHE B 284 -4.77 -2.24 -5.76
CA PHE B 284 -3.68 -3.04 -6.30
C PHE B 284 -3.55 -4.42 -5.68
N PRO B 285 -3.50 -4.58 -4.35
CA PRO B 285 -3.30 -5.94 -3.81
C PRO B 285 -4.39 -6.93 -4.16
N LEU B 286 -5.61 -6.47 -4.44
CA LEU B 286 -6.65 -7.40 -4.87
C LEU B 286 -6.32 -8.00 -6.23
N LEU B 287 -5.93 -7.15 -7.18
CA LEU B 287 -5.49 -7.64 -8.48
C LEU B 287 -4.28 -8.54 -8.33
N TYR B 288 -3.33 -8.13 -7.49
CA TYR B 288 -2.23 -9.00 -7.10
C TYR B 288 -2.76 -10.39 -6.76
N MET B 289 -3.55 -10.48 -5.68
CA MET B 289 -3.97 -11.77 -5.12
C MET B 289 -4.67 -12.64 -6.16
N ILE B 290 -5.60 -12.05 -6.91
CA ILE B 290 -6.30 -12.85 -7.92
C ILE B 290 -5.32 -13.35 -8.97
N PHE B 291 -4.31 -12.54 -9.28
CA PHE B 291 -3.33 -12.98 -10.27
C PHE B 291 -2.44 -14.10 -9.75
N GLN B 292 -2.07 -14.09 -8.46
CA GLN B 292 -1.32 -15.26 -7.98
C GLN B 292 -2.20 -16.49 -7.93
N LEU B 293 -3.48 -16.32 -7.62
CA LEU B 293 -4.37 -17.49 -7.70
C LEU B 293 -4.32 -18.09 -9.11
N GLY B 294 -4.56 -17.25 -10.12
CA GLY B 294 -4.57 -17.74 -11.48
C GLY B 294 -3.24 -18.35 -11.89
N GLU B 295 -2.14 -17.65 -11.62
CA GLU B 295 -0.84 -18.13 -12.07
C GLU B 295 -0.39 -19.36 -11.29
N GLY B 296 -0.74 -19.46 -10.01
CA GLY B 296 -0.43 -20.67 -9.28
C GLY B 296 -1.16 -21.87 -9.83
N LEU B 297 -2.44 -21.71 -10.16
CA LEU B 297 -3.16 -22.80 -10.80
C LEU B 297 -2.52 -23.16 -12.14
N LEU B 298 -2.15 -22.15 -12.92
CA LEU B 298 -1.54 -22.41 -14.22
C LEU B 298 -0.23 -23.16 -14.08
N LEU B 299 0.61 -22.77 -13.12
CA LEU B 299 1.87 -23.47 -12.91
C LEU B 299 1.67 -24.87 -12.37
N ILE B 300 0.62 -25.08 -11.57
CA ILE B 300 0.30 -26.45 -11.15
C ILE B 300 0.00 -27.31 -12.37
N ALA B 301 -0.85 -26.80 -13.26
CA ALA B 301 -1.17 -27.54 -14.48
C ALA B 301 0.07 -27.77 -15.34
N ILE B 302 0.93 -26.75 -15.46
CA ILE B 302 2.14 -26.88 -16.26
C ILE B 302 3.07 -27.93 -15.66
N PHE B 303 3.19 -27.97 -14.34
CA PHE B 303 4.03 -28.99 -13.72
C PHE B 303 3.47 -30.38 -13.98
N TRP B 304 2.16 -30.56 -13.81
CA TRP B 304 1.57 -31.87 -14.07
C TRP B 304 1.74 -32.26 -15.53
N CYS B 305 1.82 -31.28 -16.43
CA CYS B 305 2.19 -31.58 -17.81
C CYS B 305 3.65 -31.99 -17.91
N TYR B 306 4.52 -31.32 -17.16
CA TYR B 306 5.96 -31.55 -17.27
C TYR B 306 6.32 -32.97 -16.81
N GLU B 307 5.78 -33.38 -15.65
CA GLU B 307 6.10 -34.69 -15.12
C GLU B 307 5.65 -35.80 -16.06
N LYS B 308 4.62 -35.55 -16.87
CA LYS B 308 4.16 -36.53 -17.84
C LYS B 308 5.26 -36.89 -18.83
N PHE B 309 5.86 -35.88 -19.46
CA PHE B 309 6.55 -36.08 -20.72
C PHE B 309 8.01 -35.64 -20.64
#